data_9DRQ
#
_entry.id   9DRQ
#
_cell.length_a   74.823
_cell.length_b   74.823
_cell.length_c   460.854
_cell.angle_alpha   90.00
_cell.angle_beta   90.00
_cell.angle_gamma   120.00
#
_symmetry.space_group_name_H-M   'H 3 2'
#
loop_
_entity.id
_entity.type
_entity.pdbx_description
1 polymer 'Fusion glycoprotein F0'
2 branched 2-acetamido-2-deoxy-beta-D-glucopyranose-(1-4)-2-acetamido-2-deoxy-beta-D-glucopyranose
3 branched alpha-D-mannopyranose-(1-3)-beta-D-mannopyranose-(1-4)-2-acetamido-2-deoxy-beta-D-glucopyranose-(1-4)-2-acetamido-2-deoxy-beta-D-glucopyranose
4 non-polymer 2-acetamido-2-deoxy-beta-D-glucopyranose
5 water water
#
_entity_poly.entity_id   1
_entity_poly.type   'polypeptide(L)'
_entity_poly.pdbx_seq_one_letter_code
;VNINILQQIGYIKQQVRQLSYYSQSSSSYIVVKLLPNIQPTDDSCEFKSVTQYNKTLSNLLLPIAENINNIAIGIAALGV
ATAAQVTAAVSLVQAQTNARAIAAMKNSIQATNRAVFEVKEGTQQLAIAVQAIQDHINTIMNTQLNNMSCQILDNQLATS
LGLYLTELTTCFQPQLTNPALSPISIQCLRSLLGSMTPAVVQATLSTSISAAEILSAGLMEGQIISVLLDEMQMIVKINI
PTIVTQSNALVIDFYSISSFINNQESIIQLPDRILEIGNEQWSYPAKNCKLTRHHIFCQYNEAERLSLESKLCLAGNISA
CVFSPIAGSYMRRFVALDGTIVANCRSLTCLCKSPSYPIYQPDHHAVTTIDLTACQTLSLDGLDFSIVSLSNITYAENLT
ISLSQTINTQPIDISTELSKVNASLQNAVKYIKESNHQLQS
;
_entity_poly.pdbx_strand_id   A
#
loop_
_chem_comp.id
_chem_comp.type
_chem_comp.name
_chem_comp.formula
BMA D-saccharide, beta linking beta-D-mannopyranose 'C6 H12 O6'
MAN D-saccharide, alpha linking alpha-D-mannopyranose 'C6 H12 O6'
NAG D-saccharide, beta linking 2-acetamido-2-deoxy-beta-D-glucopyranose 'C8 H15 N O6'
#
# COMPACT_ATOMS: atom_id res chain seq x y z
N VAL A 1 10.49 -17.25 -13.61
CA VAL A 1 9.24 -17.12 -14.32
C VAL A 1 9.48 -17.04 -15.84
N ASN A 2 8.65 -17.74 -16.62
CA ASN A 2 8.87 -17.91 -18.06
C ASN A 2 8.16 -16.80 -18.84
N ILE A 3 8.87 -15.67 -19.02
CA ILE A 3 8.26 -14.45 -19.54
C ILE A 3 7.76 -14.63 -20.97
N ASN A 4 8.54 -15.29 -21.82
CA ASN A 4 8.22 -15.37 -23.25
C ASN A 4 7.03 -16.27 -23.51
N ILE A 5 6.90 -17.36 -22.76
CA ILE A 5 5.73 -18.21 -22.89
C ILE A 5 4.50 -17.50 -22.32
N LEU A 6 4.61 -16.97 -21.09
CA LEU A 6 3.48 -16.28 -20.47
C LEU A 6 2.91 -15.19 -21.35
N GLN A 7 3.75 -14.50 -22.12
CA GLN A 7 3.26 -13.46 -23.02
C GLN A 7 2.29 -14.03 -24.03
N GLN A 8 2.48 -15.28 -24.45
CA GLN A 8 1.68 -15.88 -25.51
C GLN A 8 0.34 -16.39 -25.01
N ILE A 9 0.03 -16.20 -23.74
CA ILE A 9 -1.33 -16.37 -23.26
C ILE A 9 -1.84 -15.08 -22.61
N GLY A 10 -1.19 -13.97 -22.92
CA GLY A 10 -1.70 -12.68 -22.53
C GLY A 10 -1.30 -12.18 -21.16
N TYR A 11 -0.26 -12.75 -20.56
CA TYR A 11 0.26 -12.36 -19.25
C TYR A 11 1.59 -11.67 -19.51
N ILE A 12 1.58 -10.32 -19.46
CA ILE A 12 2.67 -9.46 -19.95
C ILE A 12 3.39 -8.81 -18.77
N LYS A 13 4.72 -8.98 -18.71
CA LYS A 13 5.50 -8.38 -17.64
C LYS A 13 5.57 -6.87 -17.83
N GLN A 14 5.33 -6.11 -16.75
CA GLN A 14 5.26 -4.66 -16.88
C GLN A 14 6.34 -3.92 -16.12
N GLN A 15 6.51 -4.19 -14.82
CA GLN A 15 7.43 -3.42 -14.00
C GLN A 15 7.98 -4.31 -12.90
N VAL A 16 9.29 -4.20 -12.65
CA VAL A 16 9.97 -4.94 -11.60
C VAL A 16 10.41 -3.95 -10.52
N ARG A 17 10.22 -4.32 -9.25
CA ARG A 17 10.63 -3.51 -8.12
C ARG A 17 11.37 -4.37 -7.12
N GLN A 18 12.29 -3.75 -6.41
CA GLN A 18 13.02 -4.40 -5.34
C GLN A 18 12.21 -4.30 -4.06
N LEU A 19 12.06 -5.42 -3.36
CA LEU A 19 11.29 -5.47 -2.12
C LEU A 19 12.24 -5.33 -0.95
N SER A 20 11.89 -4.45 -0.01
CA SER A 20 12.65 -4.38 1.23
C SER A 20 11.69 -4.03 2.35
N TYR A 21 12.14 -4.29 3.56
CA TYR A 21 11.29 -4.18 4.73
C TYR A 21 11.79 -3.03 5.61
N TYR A 22 10.87 -2.46 6.39
CA TYR A 22 11.24 -1.42 7.33
C TYR A 22 12.20 -1.92 8.40
N SER A 23 12.49 -3.22 8.46
CA SER A 23 13.56 -3.72 9.32
C SER A 23 14.84 -2.95 9.11
N GLN A 24 15.18 -2.63 7.86
CA GLN A 24 16.31 -1.77 7.56
C GLN A 24 15.77 -0.42 7.15
N SER A 25 15.94 0.57 8.03
CA SER A 25 15.39 1.89 7.83
C SER A 25 16.02 2.84 8.84
N SER A 26 15.98 4.12 8.51
CA SER A 26 16.47 5.17 9.40
C SER A 26 15.43 5.52 10.44
N SER A 27 15.87 5.72 11.68
CA SER A 27 14.97 5.95 12.79
C SER A 27 15.17 7.36 13.34
N SER A 28 14.06 8.07 13.53
CA SER A 28 14.07 9.47 13.97
C SER A 28 12.96 9.67 15.00
N TYR A 29 13.01 10.81 15.68
CA TYR A 29 12.05 11.11 16.73
C TYR A 29 11.41 12.48 16.50
N ILE A 30 10.12 12.55 16.78
CA ILE A 30 9.33 13.75 16.63
C ILE A 30 8.60 14.01 17.95
N VAL A 31 8.62 15.27 18.38
CA VAL A 31 7.82 15.70 19.52
C VAL A 31 6.68 16.54 18.96
N VAL A 32 5.46 16.00 19.05
CA VAL A 32 4.27 16.75 18.68
C VAL A 32 3.85 17.55 19.91
N LYS A 33 4.04 18.86 19.83
CA LYS A 33 3.51 19.80 20.82
C LYS A 33 2.04 20.00 20.53
N LEU A 34 1.17 19.47 21.39
CA LEU A 34 -0.27 19.55 21.12
C LEU A 34 -0.87 20.88 21.57
N LEU A 35 -0.18 21.62 22.44
CA LEU A 35 -0.62 22.92 22.93
C LEU A 35 0.23 24.02 22.30
N PRO A 36 -0.33 24.94 21.53
CA PRO A 36 0.48 26.05 21.01
C PRO A 36 0.72 27.11 22.08
N ASN A 37 1.80 27.86 21.88
CA ASN A 37 2.06 29.01 22.72
C ASN A 37 1.04 30.08 22.40
N ILE A 38 0.39 30.63 23.43
CA ILE A 38 -0.55 31.73 23.28
C ILE A 38 0.06 32.92 24.01
N GLN A 39 0.69 33.83 23.25
CA GLN A 39 1.40 34.97 23.84
C GLN A 39 0.70 36.25 23.42
N PRO A 40 -0.22 36.76 24.23
CA PRO A 40 -0.97 37.95 23.85
C PRO A 40 -0.48 39.21 24.55
N THR A 41 -0.81 40.36 23.97
CA THR A 41 -0.85 41.61 24.73
C THR A 41 -1.92 41.45 25.79
N ASP A 42 -1.52 41.02 26.99
CA ASP A 42 -2.43 40.37 27.92
C ASP A 42 -3.25 41.38 28.73
N ASP A 43 -4.55 41.15 28.80
CA ASP A 43 -5.46 41.83 29.72
C ASP A 43 -6.08 40.84 30.70
N SER A 44 -5.28 39.83 31.08
CA SER A 44 -5.76 38.71 31.90
C SER A 44 -6.93 37.99 31.23
N CYS A 45 -6.79 37.76 29.92
CA CYS A 45 -7.76 36.96 29.20
C CYS A 45 -7.78 35.54 29.73
N GLU A 46 -8.96 35.02 29.99
CA GLU A 46 -9.14 33.60 30.28
C GLU A 46 -9.67 32.95 29.01
N PHE A 47 -8.81 32.17 28.34
CA PHE A 47 -9.22 31.53 27.10
C PHE A 47 -9.82 30.17 27.45
N LYS A 48 -11.14 30.16 27.61
CA LYS A 48 -11.84 28.90 27.83
C LYS A 48 -11.59 27.93 26.69
N SER A 49 -11.40 28.44 25.47
CA SER A 49 -11.15 27.56 24.32
C SER A 49 -9.98 26.65 24.59
N VAL A 50 -8.88 27.22 25.08
CA VAL A 50 -7.71 26.41 25.39
C VAL A 50 -8.06 25.34 26.42
N THR A 51 -8.83 25.69 27.43
CA THR A 51 -9.14 24.76 28.50
C THR A 51 -10.04 23.62 28.02
N GLN A 52 -11.06 23.92 27.22
CA GLN A 52 -11.90 22.87 26.67
C GLN A 52 -11.11 21.96 25.74
N TYR A 53 -10.33 22.55 24.83
CA TYR A 53 -9.46 21.77 23.96
C TYR A 53 -8.55 20.87 24.79
N ASN A 54 -7.88 21.43 25.79
CA ASN A 54 -6.95 20.63 26.57
C ASN A 54 -7.66 19.49 27.30
N LYS A 55 -8.89 19.75 27.78
CA LYS A 55 -9.63 18.73 28.50
C LYS A 55 -10.04 17.58 27.58
N THR A 56 -10.60 17.90 26.42
CA THR A 56 -11.01 16.83 25.51
C THR A 56 -9.80 16.05 25.01
N LEU A 57 -8.75 16.76 24.58
CA LEU A 57 -7.60 16.06 24.02
C LEU A 57 -6.97 15.14 25.06
N SER A 58 -6.97 15.54 26.34
CA SER A 58 -6.36 14.70 27.36
C SER A 58 -7.18 13.42 27.59
N ASN A 59 -8.52 13.52 27.55
CA ASN A 59 -9.35 12.32 27.59
C ASN A 59 -9.04 11.39 26.43
N LEU A 60 -8.82 11.94 25.24
CA LEU A 60 -8.52 11.11 24.08
C LEU A 60 -7.19 10.39 24.24
N LEU A 61 -6.20 11.04 24.85
CA LEU A 61 -4.87 10.47 24.97
C LEU A 61 -4.74 9.47 26.11
N LEU A 62 -5.64 9.51 27.09
CA LEU A 62 -5.45 8.72 28.31
C LEU A 62 -5.28 7.22 28.03
N PRO A 63 -6.07 6.56 27.17
CA PRO A 63 -5.83 5.12 26.92
C PRO A 63 -4.46 4.81 26.34
N ILE A 64 -3.91 5.69 25.48
CA ILE A 64 -2.57 5.47 24.94
C ILE A 64 -1.53 5.60 26.05
N ALA A 65 -1.62 6.69 26.82
CA ALA A 65 -0.72 6.90 27.95
C ALA A 65 -0.77 5.73 28.92
N GLU A 66 -1.98 5.31 29.30
CA GLU A 66 -2.11 4.19 30.22
C GLU A 66 -1.52 2.90 29.63
N ASN A 67 -1.80 2.64 28.34
CA ASN A 67 -1.26 1.45 27.68
C ASN A 67 0.27 1.46 27.73
N ILE A 68 0.88 2.58 27.37
CA ILE A 68 2.34 2.75 27.44
C ILE A 68 2.83 2.50 28.87
N ASN A 69 2.12 3.07 29.84
CA ASN A 69 2.52 2.94 31.24
C ASN A 69 2.54 1.48 31.67
N ASN A 70 1.49 0.72 31.32
CA ASN A 70 1.42 -0.69 31.73
C ASN A 70 2.51 -1.53 31.05
N ILE A 71 2.87 -1.21 29.80
CA ILE A 71 3.87 -2.01 29.08
C ILE A 71 5.28 -1.61 29.49
N ALA A 72 5.57 -0.30 29.51
CA ALA A 72 6.93 0.16 29.83
C ALA A 72 7.09 0.49 31.31
N ILE A 73 10.02 -7.90 27.17
CA ILE A 73 10.39 -9.29 27.41
C ILE A 73 9.26 -9.96 28.20
N GLY A 74 8.53 -9.16 28.98
CA GLY A 74 7.36 -9.65 29.68
C GLY A 74 6.12 -9.47 28.81
N ILE A 75 5.23 -10.47 28.85
CA ILE A 75 4.04 -10.46 28.01
C ILE A 75 2.74 -10.34 28.78
N ALA A 76 2.71 -10.66 30.08
CA ALA A 76 1.47 -10.63 30.85
C ALA A 76 0.71 -9.33 30.68
N ALA A 77 1.41 -8.21 30.66
CA ALA A 77 0.76 -6.90 30.53
C ALA A 77 0.10 -6.70 29.18
N LEU A 78 0.33 -7.59 28.22
CA LEU A 78 -0.23 -7.39 26.90
C LEU A 78 -1.65 -7.91 26.77
N GLY A 79 -2.09 -8.76 27.70
CA GLY A 79 -3.36 -9.46 27.51
C GLY A 79 -3.23 -10.44 26.35
N VAL A 80 -4.05 -10.25 25.33
CA VAL A 80 -4.02 -11.07 24.12
C VAL A 80 -3.50 -10.19 23.00
N ALA A 81 -2.42 -10.61 22.34
CA ALA A 81 -1.78 -9.74 21.38
C ALA A 81 -1.22 -10.57 20.23
N THR A 82 -1.24 -10.01 19.02
CA THR A 82 -0.61 -10.66 17.90
C THR A 82 0.90 -10.56 18.00
N ALA A 83 1.57 -11.27 17.10
CA ALA A 83 3.02 -11.19 17.04
C ALA A 83 3.48 -9.80 16.65
N ALA A 84 2.72 -9.12 15.79
CA ALA A 84 3.04 -7.76 15.39
C ALA A 84 2.95 -6.80 16.58
N GLN A 85 1.91 -6.93 17.41
CA GLN A 85 1.81 -6.10 18.60
C GLN A 85 2.92 -6.42 19.58
N VAL A 86 3.27 -7.70 19.73
CA VAL A 86 4.36 -8.08 20.62
C VAL A 86 5.65 -7.42 20.17
N THR A 87 5.92 -7.43 18.85
CA THR A 87 7.18 -6.82 18.40
C THR A 87 7.12 -5.30 18.52
N ALA A 88 5.94 -4.69 18.34
CA ALA A 88 5.81 -3.26 18.61
C ALA A 88 6.08 -2.96 20.09
N ALA A 89 5.56 -3.81 20.99
CA ALA A 89 5.85 -3.66 22.41
C ALA A 89 7.34 -3.70 22.67
N VAL A 90 8.07 -4.58 21.97
CA VAL A 90 9.51 -4.67 22.18
C VAL A 90 10.18 -3.34 21.82
N SER A 91 9.88 -2.80 20.64
CA SER A 91 10.49 -1.54 20.26
C SER A 91 9.98 -0.37 21.10
N LEU A 92 8.73 -0.43 21.58
CA LEU A 92 8.26 0.56 22.54
C LEU A 92 9.15 0.60 23.77
N VAL A 93 9.47 -0.58 24.32
CA VAL A 93 10.31 -0.65 25.52
C VAL A 93 11.73 -0.18 25.20
N GLN A 94 12.28 -0.62 24.07
CA GLN A 94 13.63 -0.22 23.70
C GLN A 94 13.74 1.26 23.38
N ALA A 95 12.63 1.92 23.10
CA ALA A 95 12.69 3.33 22.74
C ALA A 95 12.64 4.24 23.96
N GLN A 96 12.48 3.68 25.17
CA GLN A 96 12.24 4.51 26.34
C GLN A 96 13.47 5.29 26.77
N THR A 97 14.66 4.79 26.48
CA THR A 97 15.86 5.58 26.77
C THR A 97 15.90 6.85 25.91
N ASN A 98 15.61 6.72 24.61
CA ASN A 98 15.57 7.89 23.76
C ASN A 98 14.45 8.84 24.17
N ALA A 99 13.34 8.31 24.67
CA ALA A 99 12.21 9.19 24.98
C ALA A 99 12.43 9.91 26.29
N ARG A 100 13.14 9.29 27.24
CA ARG A 100 13.47 10.01 28.47
C ARG A 100 14.47 11.13 28.22
N ALA A 101 15.44 10.91 27.33
CA ALA A 101 16.38 11.99 27.01
C ALA A 101 15.65 13.16 26.37
N ILE A 102 14.66 12.86 25.52
CA ILE A 102 13.83 13.91 24.90
C ILE A 102 12.90 14.54 25.92
N ALA A 103 12.29 13.73 26.80
CA ALA A 103 11.35 14.27 27.78
C ALA A 103 12.04 15.19 28.76
N ALA A 104 13.34 15.05 28.98
CA ALA A 104 14.10 15.97 29.81
C ALA A 104 14.08 17.40 29.29
N MET A 105 13.66 17.61 28.04
CA MET A 105 13.65 18.92 27.42
C MET A 105 12.25 19.51 27.31
N LYS A 106 11.26 18.91 27.99
CA LYS A 106 9.87 19.23 27.73
C LYS A 106 9.54 20.69 28.05
N ASN A 107 10.17 21.27 29.07
CA ASN A 107 9.79 22.63 29.42
C ASN A 107 10.43 23.62 28.47
N SER A 108 11.66 23.37 28.06
CA SER A 108 12.24 24.23 27.03
C SER A 108 11.51 24.05 25.70
N ILE A 109 11.00 22.84 25.42
CA ILE A 109 10.21 22.61 24.22
C ILE A 109 8.91 23.41 24.29
N GLN A 110 8.19 23.28 25.40
CA GLN A 110 6.95 24.03 25.56
C GLN A 110 7.18 25.54 25.46
N ALA A 111 8.33 26.00 25.95
CA ALA A 111 8.58 27.44 25.98
C ALA A 111 8.98 28.01 24.62
N THR A 112 9.41 27.19 23.67
CA THR A 112 9.86 27.75 22.39
C THR A 112 8.69 27.97 21.46
N ASN A 113 8.48 29.21 21.00
CA ASN A 113 7.36 29.53 20.14
C ASN A 113 7.86 29.41 18.70
N ARG A 114 7.83 28.19 18.18
CA ARG A 114 8.23 27.92 16.80
C ARG A 114 7.47 26.69 16.31
N ALA A 115 7.20 26.66 15.00
CA ALA A 115 6.35 25.62 14.45
C ALA A 115 7.12 24.32 14.23
N VAL A 116 8.39 24.43 13.87
CA VAL A 116 9.28 23.28 13.72
C VAL A 116 10.67 23.72 14.15
N PHE A 117 11.29 22.96 15.04
CA PHE A 117 12.61 23.30 15.57
C PHE A 117 13.19 22.03 16.15
N GLU A 118 14.50 22.03 16.35
CA GLU A 118 15.16 20.81 16.80
C GLU A 118 15.26 20.76 18.31
N VAL A 119 15.15 19.56 18.84
CA VAL A 119 15.40 19.30 20.24
C VAL A 119 16.84 18.82 20.37
N LYS A 120 17.65 19.54 21.11
CA LYS A 120 19.08 19.34 21.11
C LYS A 120 19.58 18.86 22.46
N GLU A 121 20.68 18.12 22.43
CA GLU A 121 21.44 17.79 23.63
C GLU A 121 22.90 18.12 23.31
N GLY A 122 23.37 19.26 23.82
CA GLY A 122 24.63 19.77 23.31
C GLY A 122 24.48 20.00 21.83
N THR A 123 25.44 19.48 21.06
CA THR A 123 25.43 19.57 19.61
C THR A 123 24.57 18.50 18.96
N GLN A 124 24.29 17.42 19.68
CA GLN A 124 23.50 16.33 19.14
C GLN A 124 22.02 16.70 19.08
N GLN A 125 21.39 16.39 17.96
CA GLN A 125 19.96 16.55 17.80
C GLN A 125 19.25 15.32 18.34
N LEU A 126 18.24 15.52 19.18
CA LEU A 126 17.50 14.39 19.73
C LEU A 126 16.24 14.10 18.91
N ALA A 127 15.54 15.14 18.49
CA ALA A 127 14.24 15.02 17.87
C ALA A 127 13.95 16.31 17.13
N ILE A 128 12.88 16.30 16.35
CA ILE A 128 12.34 17.49 15.73
C ILE A 128 11.04 17.79 16.47
N ALA A 129 10.91 18.99 17.01
CA ALA A 129 9.65 19.36 17.64
C ALA A 129 8.74 20.05 16.61
N VAL A 130 7.44 19.78 16.71
CA VAL A 130 6.47 20.29 15.75
C VAL A 130 5.25 20.81 16.50
N GLN A 131 4.75 21.97 16.09
CA GLN A 131 3.50 22.52 16.62
C GLN A 131 2.70 22.93 15.39
N ALA A 132 1.70 22.12 15.04
CA ALA A 132 1.15 22.11 13.70
C ALA A 132 0.51 23.44 13.33
N ILE A 133 -0.11 24.12 14.30
CA ILE A 133 -0.87 25.33 14.02
C ILE A 133 -0.21 26.57 14.64
N GLN A 134 1.09 26.51 14.97
CA GLN A 134 1.69 27.58 15.76
C GLN A 134 1.75 28.89 14.97
N ASP A 135 2.09 28.83 13.69
CA ASP A 135 2.11 30.05 12.88
C ASP A 135 0.72 30.68 12.80
N HIS A 136 -0.29 29.84 12.58
CA HIS A 136 -1.66 30.35 12.53
C HIS A 136 -2.02 31.07 13.82
N ILE A 137 -1.67 30.48 14.97
CA ILE A 137 -2.01 31.06 16.26
C ILE A 137 -1.24 32.37 16.50
N ASN A 138 0.07 32.39 16.18
CA ASN A 138 0.82 33.63 16.26
C ASN A 138 0.18 34.70 15.39
N THR A 139 -0.24 34.33 14.18
CA THR A 139 -0.91 35.32 13.34
C THR A 139 -2.17 35.83 14.00
N ILE A 140 -2.97 34.95 14.59
CA ILE A 140 -4.16 35.41 15.29
C ILE A 140 -3.80 36.42 16.37
N MET A 141 -2.77 36.12 17.18
CA MET A 141 -2.45 36.95 18.32
C MET A 141 -1.84 38.30 17.96
N ASN A 142 -1.47 38.55 16.70
CA ASN A 142 -0.99 39.91 16.49
C ASN A 142 -1.56 40.57 15.24
N THR A 143 -2.74 40.15 14.79
CA THR A 143 -3.45 40.97 13.80
C THR A 143 -4.21 42.06 14.53
N GLN A 144 -4.12 43.27 14.00
CA GLN A 144 -4.91 44.38 14.48
C GLN A 144 -6.38 44.16 14.12
N LEU A 145 -7.25 44.28 15.12
CA LEU A 145 -8.69 44.18 14.92
C LEU A 145 -9.34 45.55 15.12
N ASN A 146 -10.50 45.75 14.47
CA ASN A 146 -11.34 46.89 14.84
C ASN A 146 -11.72 46.82 16.31
N ASN A 147 -11.96 45.61 16.79
CA ASN A 147 -12.47 45.36 18.12
C ASN A 147 -11.64 44.23 18.69
N MET A 148 -10.67 44.58 19.53
CA MET A 148 -9.79 43.62 20.17
C MET A 148 -10.33 43.37 21.57
N SER A 149 -10.89 42.18 21.79
CA SER A 149 -11.43 41.78 23.09
C SER A 149 -11.09 40.32 23.36
N CYS A 150 -11.04 39.97 24.64
CA CYS A 150 -10.71 38.60 25.04
C CYS A 150 -11.64 37.61 24.36
N GLN A 151 -12.93 37.94 24.26
CA GLN A 151 -13.93 37.01 23.79
C GLN A 151 -13.80 36.77 22.30
N ILE A 152 -13.45 37.79 21.51
CA ILE A 152 -13.34 37.55 20.08
C ILE A 152 -12.05 36.80 19.76
N LEU A 153 -10.97 37.00 20.53
CA LEU A 153 -9.80 36.14 20.37
C LEU A 153 -10.11 34.71 20.79
N ASP A 154 -10.84 34.55 21.91
CA ASP A 154 -11.25 33.22 22.40
C ASP A 154 -12.04 32.48 21.32
N ASN A 155 -12.95 33.18 20.66
CA ASN A 155 -13.74 32.57 19.60
C ASN A 155 -12.85 32.13 18.44
N GLN A 156 -11.80 32.90 18.14
CA GLN A 156 -10.90 32.50 17.09
C GLN A 156 -10.09 31.27 17.51
N LEU A 157 -9.59 31.27 18.75
CA LEU A 157 -8.95 30.06 19.26
C LEU A 157 -9.89 28.87 19.18
N ALA A 158 -11.17 29.08 19.50
CA ALA A 158 -12.13 27.97 19.47
C ALA A 158 -12.14 27.29 18.12
N THR A 159 -12.15 28.07 17.03
CA THR A 159 -12.29 27.44 15.73
C THR A 159 -10.96 26.84 15.23
N SER A 160 -9.82 27.45 15.57
CA SER A 160 -8.53 26.86 15.19
C SER A 160 -8.26 25.55 15.95
N LEU A 161 -8.44 25.58 17.28
CA LEU A 161 -8.21 24.37 18.08
C LEU A 161 -9.23 23.29 17.74
N GLY A 162 -10.49 23.69 17.53
CA GLY A 162 -11.53 22.73 17.20
C GLY A 162 -11.29 22.01 15.88
N LEU A 163 -10.79 22.75 14.89
CA LEU A 163 -10.42 22.11 13.63
C LEU A 163 -9.27 21.12 13.85
N TYR A 164 -8.22 21.56 14.54
CA TYR A 164 -7.11 20.66 14.81
C TYR A 164 -7.57 19.46 15.65
N LEU A 165 -8.43 19.69 16.62
CA LEU A 165 -8.95 18.59 17.43
C LEU A 165 -9.76 17.62 16.58
N THR A 166 -10.64 18.14 15.72
CA THR A 166 -11.42 17.27 14.86
C THR A 166 -10.52 16.41 13.98
N GLU A 167 -9.43 16.99 13.44
CA GLU A 167 -8.55 16.21 12.59
C GLU A 167 -7.78 15.16 13.39
N LEU A 168 -7.42 15.47 14.64
CA LEU A 168 -6.68 14.53 15.45
C LEU A 168 -7.49 13.28 15.80
N THR A 169 -8.83 13.34 15.72
CA THR A 169 -9.63 12.21 16.21
C THR A 169 -9.40 10.94 15.40
N THR A 170 -8.96 11.07 14.15
CA THR A 170 -8.61 9.87 13.39
C THR A 170 -7.44 9.11 14.02
N CYS A 171 -6.61 9.79 14.83
CA CYS A 171 -5.51 9.13 15.52
C CYS A 171 -5.95 8.19 16.63
N PHE A 172 -7.16 8.35 17.17
CA PHE A 172 -7.55 7.61 18.35
C PHE A 172 -8.53 6.52 17.97
N GLN A 173 -8.21 5.29 18.37
CA GLN A 173 -9.01 4.10 18.07
C GLN A 173 -9.37 3.50 19.41
N PRO A 174 -10.50 3.90 20.00
CA PRO A 174 -10.83 3.41 21.35
C PRO A 174 -11.20 1.94 21.38
N GLN A 175 -11.40 1.29 20.23
CA GLN A 175 -11.76 -0.12 20.26
C GLN A 175 -10.57 -1.02 20.59
N LEU A 176 -9.35 -0.52 20.42
CA LEU A 176 -8.16 -1.35 20.61
C LEU A 176 -7.90 -1.56 22.10
N THR A 177 -7.55 -2.79 22.46
CA THR A 177 -7.10 -3.06 23.82
C THR A 177 -5.68 -2.57 24.06
N ASN A 178 -4.83 -2.60 23.05
CA ASN A 178 -3.46 -2.11 23.14
C ASN A 178 -3.29 -0.97 22.13
N PRO A 179 -3.98 0.17 22.34
CA PRO A 179 -3.94 1.24 21.34
C PRO A 179 -2.54 1.72 21.02
N ALA A 180 -1.63 1.71 21.98
CA ALA A 180 -0.29 2.24 21.68
C ALA A 180 0.50 1.34 20.75
N LEU A 181 0.10 0.07 20.60
CA LEU A 181 0.88 -0.84 19.79
C LEU A 181 0.51 -0.82 18.31
N SER A 182 -0.65 -0.28 17.97
CA SER A 182 -0.97 -0.17 16.56
C SER A 182 -0.10 0.91 15.93
N PRO A 183 0.32 0.73 14.69
CA PRO A 183 1.11 1.78 14.03
C PRO A 183 0.25 3.00 13.73
N ILE A 184 0.91 4.15 13.58
CA ILE A 184 0.20 5.38 13.26
C ILE A 184 -0.18 5.38 11.78
N SER A 185 -1.46 5.56 11.51
CA SER A 185 -1.88 5.64 10.11
C SER A 185 -1.27 6.85 9.43
N ILE A 186 -1.26 6.81 8.09
CA ILE A 186 -0.75 7.95 7.34
C ILE A 186 -1.69 9.14 7.50
N GLN A 187 -3.00 8.88 7.58
CA GLN A 187 -3.94 9.95 7.86
C GLN A 187 -3.66 10.59 9.23
N CYS A 188 -3.35 9.77 10.22
CA CYS A 188 -3.09 10.30 11.55
C CYS A 188 -1.81 11.14 11.59
N LEU A 189 -0.73 10.64 10.98
CA LEU A 189 0.51 11.40 10.90
C LEU A 189 0.28 12.75 10.24
N ARG A 190 -0.44 12.76 9.12
CA ARG A 190 -0.72 14.03 8.43
C ARG A 190 -1.58 14.95 9.28
N SER A 191 -2.55 14.37 10.00
CA SER A 191 -3.33 15.18 10.93
C SER A 191 -2.45 15.76 12.02
N LEU A 192 -1.48 14.98 12.51
CA LEU A 192 -0.65 15.45 13.61
C LEU A 192 0.22 16.61 13.18
N LEU A 193 0.90 16.48 12.05
CA LEU A 193 1.86 17.46 11.56
C LEU A 193 1.23 18.55 10.71
N GLY A 194 0.05 18.30 10.15
CA GLY A 194 -0.67 19.33 9.43
C GLY A 194 0.18 19.98 8.36
N SER A 195 0.14 21.32 8.32
CA SER A 195 0.85 22.06 7.30
C SER A 195 2.36 21.99 7.45
N MET A 196 2.87 21.48 8.57
CA MET A 196 4.31 21.32 8.76
C MET A 196 4.82 19.96 8.28
N THR A 197 3.96 19.12 7.68
CA THR A 197 4.44 17.84 7.16
C THR A 197 5.62 18.00 6.20
N PRO A 198 5.60 18.88 5.18
CA PRO A 198 6.79 18.99 4.31
C PRO A 198 8.05 19.43 5.05
N ALA A 199 7.96 20.42 5.95
CA ALA A 199 9.16 20.85 6.67
C ALA A 199 9.73 19.73 7.53
N VAL A 200 8.86 18.94 8.17
CA VAL A 200 9.35 17.84 9.00
C VAL A 200 10.07 16.80 8.15
N VAL A 201 9.55 16.53 6.95
CA VAL A 201 10.24 15.60 6.06
C VAL A 201 11.59 16.17 5.64
N GLN A 202 11.62 17.45 5.27
CA GLN A 202 12.90 18.05 4.89
C GLN A 202 13.88 18.06 6.05
N ALA A 203 13.38 18.18 7.27
CA ALA A 203 14.28 18.18 8.42
C ALA A 203 14.71 16.78 8.83
N THR A 204 14.16 15.74 8.22
CA THR A 204 14.58 14.37 8.54
C THR A 204 15.68 13.93 7.59
N LEU A 205 16.40 12.90 8.02
CA LEU A 205 17.62 12.48 7.35
C LEU A 205 17.34 11.19 6.58
N SER A 206 17.72 11.18 5.31
CA SER A 206 17.58 10.01 4.46
C SER A 206 18.39 10.21 3.18
N THR A 207 19.46 9.44 3.03
CA THR A 207 20.26 9.54 1.81
C THR A 207 19.63 8.75 0.67
N SER A 208 19.14 7.55 0.96
CA SER A 208 18.58 6.69 -0.07
C SER A 208 17.39 7.33 -0.77
N ILE A 209 16.62 8.16 -0.05
CA ILE A 209 15.32 8.61 -0.54
C ILE A 209 15.19 10.12 -0.35
N SER A 210 14.72 10.79 -1.40
CA SER A 210 14.49 12.22 -1.43
C SER A 210 13.21 12.60 -0.69
N ALA A 211 13.14 13.87 -0.30
CA ALA A 211 11.95 14.36 0.39
C ALA A 211 10.72 14.28 -0.49
N ALA A 212 10.89 14.48 -1.80
CA ALA A 212 9.78 14.34 -2.73
C ALA A 212 9.20 12.93 -2.68
N GLU A 213 10.06 11.90 -2.63
CA GLU A 213 9.58 10.51 -2.62
C GLU A 213 8.99 10.14 -1.26
N ILE A 214 9.61 10.61 -0.18
CA ILE A 214 9.05 10.35 1.14
C ILE A 214 7.64 10.91 1.23
N LEU A 215 7.41 12.12 0.70
CA LEU A 215 6.08 12.74 0.77
C LEU A 215 5.09 12.05 -0.18
N SER A 216 5.46 11.90 -1.45
CA SER A 216 4.49 11.44 -2.44
C SER A 216 4.09 9.98 -2.22
N ALA A 217 5.01 9.16 -1.69
CA ALA A 217 4.71 7.76 -1.45
C ALA A 217 4.37 7.47 0.01
N GLY A 218 4.35 8.48 0.87
CA GLY A 218 3.99 8.26 2.27
C GLY A 218 4.90 7.31 3.01
N LEU A 219 6.21 7.47 2.89
CA LEU A 219 7.14 6.49 3.46
C LEU A 219 7.27 6.59 4.98
N MET A 220 6.79 7.65 5.58
CA MET A 220 6.97 7.86 7.01
C MET A 220 6.04 6.94 7.79
N GLU A 221 6.61 6.12 8.66
CA GLU A 221 5.84 5.24 9.52
C GLU A 221 6.18 5.55 10.98
N GLY A 222 5.17 5.64 11.83
CA GLY A 222 5.37 6.12 13.18
C GLY A 222 4.83 5.16 14.21
N GLN A 223 5.44 5.22 15.40
CA GLN A 223 4.95 4.55 16.59
C GLN A 223 4.99 5.54 17.75
N ILE A 224 3.87 5.67 18.47
CA ILE A 224 3.81 6.54 19.65
C ILE A 224 4.64 5.93 20.77
N ILE A 225 5.60 6.69 21.28
CA ILE A 225 6.57 6.20 22.23
C ILE A 225 6.36 6.75 23.63
N SER A 226 5.77 7.93 23.73
CA SER A 226 5.62 8.55 25.04
C SER A 226 4.55 9.62 24.93
N VAL A 227 3.69 9.70 25.93
CA VAL A 227 2.70 10.76 26.05
C VAL A 227 2.97 11.47 27.35
N LEU A 228 3.29 12.76 27.27
CA LEU A 228 3.54 13.57 28.46
C LEU A 228 2.28 14.38 28.66
N LEU A 229 1.39 13.89 29.52
CA LEU A 229 0.09 14.54 29.68
C LEU A 229 0.20 15.90 30.35
N ASP A 230 1.28 16.16 31.10
CA ASP A 230 1.41 17.44 31.79
C ASP A 230 1.70 18.59 30.81
N GLU A 231 2.49 18.34 29.77
CA GLU A 231 2.81 19.36 28.78
C GLU A 231 2.08 19.10 27.46
N MET A 232 1.29 18.04 27.38
CA MET A 232 0.61 17.65 26.15
C MET A 232 1.59 17.54 24.99
N GLN A 233 2.67 16.79 25.22
CA GLN A 233 3.59 16.45 24.15
C GLN A 233 3.54 14.95 23.90
N MET A 234 3.58 14.58 22.63
CA MET A 234 3.65 13.18 22.19
C MET A 234 5.00 12.96 21.54
N ILE A 235 5.76 12.00 22.03
CA ILE A 235 6.97 11.57 21.36
C ILE A 235 6.65 10.43 20.40
N VAL A 236 6.95 10.62 19.13
CA VAL A 236 6.69 9.64 18.09
C VAL A 236 8.03 9.20 17.51
N LYS A 237 8.22 7.90 17.38
CA LYS A 237 9.36 7.35 16.66
C LYS A 237 8.97 7.13 15.20
N ILE A 238 9.76 7.65 14.28
CA ILE A 238 9.46 7.61 12.85
C ILE A 238 10.53 6.77 12.16
N ASN A 239 10.10 5.91 11.26
CA ASN A 239 11.02 5.08 10.48
C ASN A 239 10.85 5.41 9.00
N ILE A 240 11.98 5.59 8.32
CA ILE A 240 12.04 5.88 6.89
C ILE A 240 12.86 4.77 6.25
N PRO A 241 12.33 4.04 5.27
CA PRO A 241 13.06 2.89 4.73
C PRO A 241 14.36 3.33 4.09
N THR A 242 15.34 2.44 4.14
CA THR A 242 16.61 2.65 3.45
C THR A 242 16.78 1.60 2.37
N ILE A 243 17.46 1.99 1.30
CA ILE A 243 17.52 1.21 0.08
C ILE A 243 18.80 0.40 0.05
N VAL A 244 18.66 -0.93 0.06
CA VAL A 244 19.74 -1.85 -0.31
C VAL A 244 19.48 -2.33 -1.73
N THR A 245 20.51 -2.29 -2.57
CA THR A 245 20.33 -2.45 -4.00
C THR A 245 20.74 -3.82 -4.52
N GLN A 246 20.99 -4.78 -3.64
CA GLN A 246 21.38 -6.12 -4.05
C GLN A 246 20.48 -7.16 -3.41
N SER A 247 19.19 -6.84 -3.29
CA SER A 247 18.26 -7.73 -2.58
C SER A 247 18.05 -9.04 -3.35
N ASN A 248 17.68 -8.96 -4.62
CA ASN A 248 17.22 -10.11 -5.40
C ASN A 248 15.89 -10.67 -4.91
N ALA A 249 15.17 -9.94 -4.06
CA ALA A 249 13.74 -10.18 -3.85
C ALA A 249 13.03 -9.21 -4.78
N LEU A 250 12.49 -9.73 -5.87
CA LEU A 250 11.93 -8.90 -6.93
C LEU A 250 10.42 -9.08 -6.98
N VAL A 251 9.71 -7.98 -6.98
CA VAL A 251 8.27 -8.01 -7.07
C VAL A 251 7.88 -7.56 -8.47
N ILE A 252 7.24 -8.44 -9.23
CA ILE A 252 6.94 -8.21 -10.64
C ILE A 252 5.45 -7.98 -10.81
N ASP A 253 5.10 -6.90 -11.51
CA ASP A 253 3.73 -6.61 -11.87
C ASP A 253 3.48 -7.07 -13.31
N PHE A 254 2.33 -7.70 -13.53
CA PHE A 254 1.92 -8.16 -14.85
C PHE A 254 0.60 -7.52 -15.28
N TYR A 255 0.51 -7.14 -16.55
CA TYR A 255 -0.77 -6.86 -17.19
C TYR A 255 -1.31 -8.12 -17.86
N SER A 256 -2.64 -8.21 -17.94
CA SER A 256 -3.32 -9.31 -18.61
C SER A 256 -4.18 -8.74 -19.73
N ILE A 257 -4.04 -9.31 -20.93
CA ILE A 257 -4.95 -9.03 -22.05
C ILE A 257 -5.81 -10.26 -22.29
N SER A 258 -6.98 -10.03 -22.89
CA SER A 258 -7.83 -11.13 -23.23
C SER A 258 -7.15 -11.99 -24.29
N SER A 259 -7.53 -13.26 -24.32
CA SER A 259 -7.07 -14.20 -25.31
C SER A 259 -8.30 -14.85 -25.93
N PHE A 260 -8.07 -15.62 -26.99
CA PHE A 260 -9.12 -16.39 -27.66
C PHE A 260 -8.84 -17.87 -27.41
N ILE A 261 -9.56 -18.44 -26.44
CA ILE A 261 -9.28 -19.77 -25.93
C ILE A 261 -10.49 -20.67 -26.21
N ASN A 262 -10.26 -21.76 -26.96
CA ASN A 262 -11.28 -22.74 -27.30
C ASN A 262 -12.54 -22.05 -27.80
N ASN A 263 -12.35 -21.17 -28.80
CA ASN A 263 -13.42 -20.47 -29.50
C ASN A 263 -14.18 -19.47 -28.62
N GLN A 264 -13.56 -18.90 -27.60
CA GLN A 264 -14.20 -17.77 -26.94
C GLN A 264 -13.19 -16.84 -26.32
N GLU A 265 -13.55 -15.56 -26.28
CA GLU A 265 -12.71 -14.56 -25.64
C GLU A 265 -12.62 -14.85 -24.16
N SER A 266 -11.39 -14.98 -23.66
CA SER A 266 -11.13 -15.39 -22.29
C SER A 266 -9.96 -14.59 -21.75
N ILE A 267 -9.63 -14.77 -20.48
CA ILE A 267 -8.45 -14.15 -19.89
C ILE A 267 -7.80 -15.09 -18.89
N ILE A 268 -6.46 -15.18 -18.98
CA ILE A 268 -5.61 -15.91 -18.04
C ILE A 268 -5.97 -15.50 -16.61
N GLN A 269 -5.92 -16.46 -15.67
CA GLN A 269 -6.19 -16.16 -14.27
C GLN A 269 -4.93 -16.47 -13.46
N LEU A 270 -4.25 -15.41 -13.04
CA LEU A 270 -3.05 -15.45 -12.22
C LEU A 270 -3.00 -14.15 -11.45
N PRO A 271 -2.45 -14.14 -10.23
CA PRO A 271 -2.29 -12.87 -9.52
C PRO A 271 -1.51 -11.86 -10.35
N ASP A 272 -1.82 -10.59 -10.17
CA ASP A 272 -1.20 -9.55 -10.97
C ASP A 272 0.16 -9.11 -10.44
N ARG A 273 0.57 -9.56 -9.27
CA ARG A 273 1.81 -9.09 -8.68
C ARG A 273 2.47 -10.27 -8.00
N ILE A 274 3.72 -10.56 -8.42
CA ILE A 274 4.42 -11.78 -8.10
C ILE A 274 5.73 -11.42 -7.41
N LEU A 275 5.98 -12.02 -6.25
CA LEU A 275 7.30 -12.03 -5.64
C LEU A 275 8.07 -13.23 -6.16
N GLU A 276 9.26 -12.99 -6.70
CA GLU A 276 10.12 -14.06 -7.16
C GLU A 276 11.45 -13.94 -6.44
N ILE A 277 11.89 -15.04 -5.84
CA ILE A 277 13.22 -15.18 -5.28
C ILE A 277 13.79 -16.48 -5.86
N GLY A 278 14.77 -16.36 -6.73
CA GLY A 278 15.34 -17.54 -7.36
C GLY A 278 14.31 -18.19 -8.25
N ASN A 279 14.04 -19.47 -8.01
CA ASN A 279 12.99 -20.17 -8.73
C ASN A 279 11.72 -20.33 -7.91
N GLU A 280 11.61 -19.65 -6.77
CA GLU A 280 10.39 -19.71 -5.97
C GLU A 280 9.56 -18.46 -6.21
N GLN A 281 8.24 -18.64 -6.32
CA GLN A 281 7.35 -17.51 -6.51
C GLN A 281 6.26 -17.52 -5.46
N TRP A 282 5.77 -16.33 -5.15
CA TRP A 282 4.64 -16.15 -4.27
C TRP A 282 3.73 -15.07 -4.87
N SER A 283 2.45 -15.12 -4.53
CA SER A 283 1.59 -13.96 -4.76
C SER A 283 1.97 -12.88 -3.73
N TYR A 284 2.12 -11.64 -4.18
CA TYR A 284 2.54 -10.55 -3.31
C TYR A 284 1.73 -9.31 -3.62
N PRO A 285 0.50 -9.23 -3.11
CA PRO A 285 -0.36 -8.07 -3.44
C PRO A 285 0.22 -6.73 -3.01
N ALA A 286 0.93 -6.67 -1.89
CA ALA A 286 1.55 -5.42 -1.40
C ALA A 286 0.51 -4.32 -1.19
N LYS A 287 -0.70 -4.71 -0.77
CA LYS A 287 -1.77 -3.76 -0.57
C LYS A 287 -1.46 -2.79 0.57
N ASN A 288 -0.77 -3.24 1.62
CA ASN A 288 -0.39 -2.37 2.73
C ASN A 288 1.04 -1.85 2.61
N CYS A 289 1.68 -1.97 1.46
CA CYS A 289 3.05 -1.48 1.33
C CYS A 289 3.06 -0.15 0.58
N LYS A 290 4.22 0.49 0.57
CA LYS A 290 4.46 1.71 -0.15
C LYS A 290 5.34 1.44 -1.37
N LEU A 291 5.02 2.11 -2.47
CA LEU A 291 5.65 1.84 -3.76
C LEU A 291 6.26 3.11 -4.33
N THR A 292 7.49 3.00 -4.79
CA THR A 292 8.07 3.95 -5.73
C THR A 292 8.28 3.23 -7.06
N ARG A 293 8.91 3.92 -8.01
CA ARG A 293 9.04 3.36 -9.36
C ARG A 293 9.83 2.06 -9.32
N HIS A 294 10.88 2.01 -8.52
CA HIS A 294 11.77 0.87 -8.52
C HIS A 294 11.77 0.10 -7.22
N HIS A 295 10.91 0.46 -6.26
CA HIS A 295 11.01 -0.16 -4.94
C HIS A 295 9.65 -0.37 -4.32
N ILE A 296 9.56 -1.43 -3.52
CA ILE A 296 8.42 -1.68 -2.66
C ILE A 296 8.92 -1.79 -1.24
N PHE A 297 8.34 -0.99 -0.35
CA PHE A 297 8.73 -0.94 1.05
C PHE A 297 7.57 -1.48 1.88
N CYS A 298 7.84 -2.51 2.65
CA CYS A 298 6.78 -3.23 3.35
C CYS A 298 7.04 -3.23 4.85
N GLN A 299 6.02 -2.87 5.62
CA GLN A 299 6.08 -3.06 7.05
C GLN A 299 6.00 -4.55 7.41
N TYR A 300 5.12 -5.30 6.74
CA TYR A 300 4.92 -6.71 7.05
C TYR A 300 4.98 -7.56 5.78
N ASN A 301 5.37 -8.83 5.95
CA ASN A 301 5.46 -9.78 4.85
C ASN A 301 4.06 -10.19 4.40
N GLU A 302 3.67 -9.75 3.20
CA GLU A 302 2.36 -10.04 2.64
C GLU A 302 2.35 -11.20 1.65
N ALA A 303 3.44 -11.96 1.52
CA ALA A 303 3.48 -13.04 0.54
C ALA A 303 2.38 -14.07 0.78
N GLU A 304 1.77 -14.55 -0.30
CA GLU A 304 0.72 -15.56 -0.28
C GLU A 304 1.11 -16.76 -1.13
N ARG A 305 0.69 -17.95 -0.68
CA ARG A 305 0.99 -19.19 -1.39
C ARG A 305 0.35 -19.25 -2.77
N LEU A 306 1.11 -19.77 -3.72
CA LEU A 306 0.59 -20.13 -5.03
C LEU A 306 0.42 -21.64 -5.10
N SER A 307 -0.65 -22.10 -5.75
CA SER A 307 -0.82 -23.53 -5.95
C SER A 307 0.25 -24.07 -6.89
N LEU A 308 0.28 -25.41 -7.00
CA LEU A 308 1.16 -26.05 -7.97
C LEU A 308 0.80 -25.63 -9.39
N GLU A 309 -0.49 -25.61 -9.71
CA GLU A 309 -0.92 -25.27 -11.07
C GLU A 309 -0.44 -23.88 -11.45
N SER A 310 -0.58 -22.93 -10.52
CA SER A 310 -0.13 -21.56 -10.77
C SER A 310 1.38 -21.52 -11.02
N LYS A 311 2.14 -22.27 -10.24
CA LYS A 311 3.59 -22.26 -10.42
C LYS A 311 3.99 -22.95 -11.72
N LEU A 312 3.35 -24.08 -12.05
CA LEU A 312 3.64 -24.72 -13.32
C LEU A 312 3.28 -23.81 -14.50
N CYS A 313 2.12 -23.14 -14.41
CA CYS A 313 1.76 -22.17 -15.43
C CYS A 313 2.81 -21.08 -15.52
N LEU A 314 3.20 -20.52 -14.38
CA LEU A 314 4.22 -19.48 -14.38
C LEU A 314 5.53 -19.96 -14.99
N ALA A 315 5.82 -21.27 -14.90
CA ALA A 315 7.05 -21.82 -15.45
C ALA A 315 6.97 -22.09 -16.95
N GLY A 316 5.82 -21.89 -17.57
CA GLY A 316 5.66 -22.09 -18.99
C GLY A 316 4.91 -23.34 -19.38
N ASN A 317 4.47 -24.15 -18.43
CA ASN A 317 3.66 -25.33 -18.72
C ASN A 317 2.25 -24.84 -19.02
N ILE A 318 1.94 -24.70 -20.30
CA ILE A 318 0.69 -24.07 -20.69
C ILE A 318 -0.51 -24.86 -20.20
N SER A 319 -0.40 -26.18 -20.12
CA SER A 319 -1.60 -26.96 -19.77
C SER A 319 -1.99 -26.85 -18.31
N ALA A 320 -1.13 -26.27 -17.47
CA ALA A 320 -1.49 -25.99 -16.09
C ALA A 320 -2.15 -24.62 -15.92
N CYS A 321 -2.20 -23.81 -16.98
CA CYS A 321 -2.83 -22.49 -16.89
C CYS A 321 -4.35 -22.61 -16.94
N VAL A 322 -5.03 -21.67 -16.32
CA VAL A 322 -6.49 -21.65 -16.32
C VAL A 322 -6.97 -20.29 -16.79
N PHE A 323 -8.10 -20.29 -17.48
CA PHE A 323 -8.62 -19.15 -18.22
C PHE A 323 -10.12 -19.01 -17.94
N SER A 324 -10.59 -17.79 -17.83
CA SER A 324 -12.02 -17.65 -17.64
C SER A 324 -12.64 -16.88 -18.79
N PRO A 325 -13.87 -17.20 -19.18
CA PRO A 325 -14.52 -16.44 -20.25
C PRO A 325 -14.85 -15.04 -19.77
N ILE A 326 -14.79 -14.07 -20.68
CA ILE A 326 -15.01 -12.67 -20.32
C ILE A 326 -15.89 -11.98 -21.34
N ALA A 327 -16.44 -10.84 -20.91
CA ALA A 327 -17.02 -9.84 -21.80
C ALA A 327 -15.88 -8.89 -22.18
N GLY A 328 -15.29 -9.12 -23.35
CA GLY A 328 -14.14 -8.33 -23.74
C GLY A 328 -14.52 -6.93 -24.16
N SER A 329 -13.56 -6.02 -24.05
CA SER A 329 -13.66 -4.70 -24.62
C SER A 329 -12.30 -4.30 -25.16
N TYR A 330 -12.31 -3.22 -25.95
CA TYR A 330 -11.10 -2.74 -26.59
C TYR A 330 -9.97 -2.61 -25.58
N MET A 331 -10.28 -2.07 -24.40
CA MET A 331 -9.22 -1.72 -23.47
C MET A 331 -8.54 -2.94 -22.88
N ARG A 332 -9.14 -4.12 -23.00
CA ARG A 332 -8.57 -5.34 -22.46
C ARG A 332 -7.90 -6.20 -23.52
N ARG A 333 -7.80 -5.71 -24.75
CA ARG A 333 -7.45 -6.59 -25.87
C ARG A 333 -6.04 -6.40 -26.39
N PHE A 334 -5.30 -5.40 -25.92
CA PHE A 334 -3.91 -5.26 -26.36
C PHE A 334 -3.12 -4.44 -25.35
N VAL A 335 -1.81 -4.59 -25.40
CA VAL A 335 -0.86 -3.77 -24.66
C VAL A 335 0.27 -3.41 -25.64
N ALA A 336 0.88 -2.27 -25.38
CA ALA A 336 2.15 -1.94 -25.99
C ALA A 336 3.27 -2.50 -25.14
N LEU A 337 4.23 -3.14 -25.79
CA LEU A 337 5.34 -3.84 -25.13
C LEU A 337 6.62 -3.45 -25.85
N ASP A 338 7.27 -2.39 -25.37
CA ASP A 338 8.60 -1.97 -25.82
C ASP A 338 8.69 -1.86 -27.35
N GLY A 339 7.73 -1.18 -27.95
CA GLY A 339 7.72 -0.97 -29.38
C GLY A 339 7.06 -2.07 -30.19
N THR A 340 6.50 -3.09 -29.54
CA THR A 340 5.70 -4.13 -30.15
C THR A 340 4.30 -4.11 -29.55
N ILE A 341 3.36 -4.79 -30.20
CA ILE A 341 1.98 -4.90 -29.73
C ILE A 341 1.69 -6.37 -29.49
N VAL A 342 1.11 -6.69 -28.35
CA VAL A 342 0.53 -8.01 -28.12
C VAL A 342 -0.97 -7.82 -28.04
N ALA A 343 -1.71 -8.50 -28.91
CA ALA A 343 -3.13 -8.27 -29.03
C ALA A 343 -3.89 -9.57 -29.25
N ASN A 344 -5.12 -9.61 -28.74
CA ASN A 344 -6.07 -10.66 -29.08
C ASN A 344 -6.62 -10.33 -30.47
N CYS A 345 -5.99 -10.90 -31.50
CA CYS A 345 -6.32 -10.54 -32.88
C CYS A 345 -7.49 -11.34 -33.45
N ARG A 346 -8.17 -12.13 -32.63
CA ARG A 346 -9.47 -12.68 -33.01
C ARG A 346 -10.62 -11.78 -32.55
N SER A 347 -10.62 -11.39 -31.28
CA SER A 347 -11.64 -10.46 -30.81
C SER A 347 -11.37 -9.04 -31.29
N LEU A 348 -10.13 -8.75 -31.68
CA LEU A 348 -9.75 -7.45 -32.18
C LEU A 348 -9.34 -7.63 -33.63
N THR A 349 -9.90 -6.82 -34.52
CA THR A 349 -9.45 -6.85 -35.91
C THR A 349 -8.11 -6.14 -35.99
N CYS A 350 -7.06 -6.88 -36.31
CA CYS A 350 -5.71 -6.36 -36.33
C CYS A 350 -5.37 -5.98 -37.77
N LEU A 351 -5.40 -4.69 -38.05
CA LEU A 351 -5.22 -4.19 -39.40
C LEU A 351 -3.81 -3.59 -39.49
N CYS A 352 -2.84 -4.44 -39.78
CA CYS A 352 -1.53 -3.92 -40.10
C CYS A 352 -1.62 -3.15 -41.41
N LYS A 353 -1.15 -1.90 -41.41
CA LYS A 353 -1.29 -1.01 -42.56
C LYS A 353 -0.02 -0.83 -43.35
N SER A 354 1.10 -1.45 -42.93
CA SER A 354 2.31 -1.34 -43.75
C SER A 354 2.14 -2.06 -45.08
N PRO A 355 1.77 -3.34 -45.14
CA PRO A 355 1.20 -3.89 -46.37
C PRO A 355 -0.32 -3.94 -46.38
N SER A 356 -0.97 -3.31 -45.39
CA SER A 356 -2.43 -3.25 -45.26
C SER A 356 -3.06 -4.64 -45.29
N TYR A 357 -2.33 -5.68 -44.84
CA TYR A 357 -2.94 -7.00 -44.89
C TYR A 357 -3.62 -7.33 -43.57
N PRO A 358 -4.65 -8.18 -43.60
CA PRO A 358 -5.38 -8.47 -42.37
C PRO A 358 -4.69 -9.58 -41.59
N ILE A 359 -4.41 -9.31 -40.32
CA ILE A 359 -3.76 -10.31 -39.46
C ILE A 359 -4.82 -11.28 -38.97
N TYR A 360 -4.80 -12.51 -39.50
CA TYR A 360 -5.59 -13.61 -38.98
C TYR A 360 -4.79 -14.34 -37.91
N GLN A 361 -5.44 -14.60 -36.78
CA GLN A 361 -4.82 -15.32 -35.67
C GLN A 361 -5.41 -16.72 -35.62
N PRO A 362 -4.62 -17.77 -35.88
CA PRO A 362 -5.20 -19.12 -35.99
C PRO A 362 -5.63 -19.65 -34.63
N ASP A 363 -6.34 -20.78 -34.65
CA ASP A 363 -6.89 -21.36 -33.43
C ASP A 363 -5.81 -21.89 -32.49
N HIS A 364 -4.63 -22.23 -32.99
CA HIS A 364 -3.55 -22.64 -32.08
C HIS A 364 -2.75 -21.46 -31.52
N HIS A 365 -3.22 -20.21 -31.68
CA HIS A 365 -2.67 -19.03 -31.03
C HIS A 365 -3.73 -18.41 -30.11
N ALA A 366 -3.34 -18.13 -28.87
CA ALA A 366 -4.23 -17.44 -27.95
C ALA A 366 -4.21 -15.92 -28.18
N VAL A 367 -3.03 -15.37 -28.41
CA VAL A 367 -2.83 -13.98 -28.74
C VAL A 367 -1.79 -13.92 -29.86
N THR A 368 -1.54 -12.73 -30.37
CA THR A 368 -0.50 -12.56 -31.37
C THR A 368 0.40 -11.40 -30.95
N THR A 369 1.71 -11.60 -31.07
CA THR A 369 2.69 -10.54 -30.85
C THR A 369 3.03 -9.94 -32.20
N ILE A 370 2.83 -8.64 -32.35
CA ILE A 370 3.08 -7.93 -33.59
C ILE A 370 4.34 -7.10 -33.40
N ASP A 371 5.43 -7.51 -34.05
CA ASP A 371 6.68 -6.75 -33.99
C ASP A 371 7.12 -6.34 -35.39
N LEU A 372 8.39 -5.96 -35.52
CA LEU A 372 8.88 -5.47 -36.81
C LEU A 372 9.00 -6.59 -37.85
N THR A 373 9.23 -7.83 -37.44
CA THR A 373 9.32 -8.93 -38.41
C THR A 373 8.05 -9.13 -39.21
N ALA A 374 6.92 -8.58 -38.75
CA ALA A 374 5.63 -8.80 -39.39
C ALA A 374 4.93 -7.53 -39.83
N CYS A 375 5.14 -6.41 -39.15
CA CYS A 375 4.38 -5.21 -39.46
C CYS A 375 5.25 -3.99 -39.18
N GLN A 376 4.81 -2.86 -39.72
CA GLN A 376 5.49 -1.59 -39.51
C GLN A 376 4.56 -0.46 -39.09
N THR A 377 3.28 -0.50 -39.45
CA THR A 377 2.30 0.45 -38.96
C THR A 377 0.96 -0.28 -38.82
N LEU A 378 0.66 -0.73 -37.60
CA LEU A 378 -0.54 -1.52 -37.33
C LEU A 378 -1.70 -0.62 -36.94
N SER A 379 -2.90 -1.01 -37.36
CA SER A 379 -4.13 -0.33 -36.97
C SER A 379 -4.97 -1.29 -36.15
N LEU A 380 -5.32 -0.87 -34.94
CA LEU A 380 -6.22 -1.60 -34.06
C LEU A 380 -7.51 -0.80 -34.04
N ASP A 381 -8.41 -1.13 -34.96
CA ASP A 381 -9.69 -0.45 -35.11
C ASP A 381 -9.50 1.05 -35.35
N GLY A 382 -9.78 1.87 -34.32
CA GLY A 382 -9.80 3.31 -34.52
C GLY A 382 -8.42 3.95 -34.63
N LEU A 383 -7.40 3.37 -33.98
CA LEU A 383 -6.08 3.97 -33.87
C LEU A 383 -5.08 3.26 -34.78
N ASP A 384 -3.99 3.97 -35.07
CA ASP A 384 -2.88 3.46 -35.89
C ASP A 384 -1.59 3.62 -35.10
N PHE A 385 -0.75 2.58 -35.10
CA PHE A 385 0.43 2.49 -34.24
C PHE A 385 1.68 2.19 -35.06
N SER A 386 2.78 2.87 -34.75
CA SER A 386 4.07 2.61 -35.38
C SER A 386 4.77 1.47 -34.64
N ILE A 387 4.82 0.29 -35.25
CA ILE A 387 5.64 -0.80 -34.71
C ILE A 387 7.08 -0.59 -35.13
N VAL A 388 8.01 -0.73 -34.18
CA VAL A 388 9.38 -0.33 -34.44
C VAL A 388 10.40 -1.34 -33.91
N SER A 389 10.01 -2.20 -32.98
CA SER A 389 10.96 -3.07 -32.30
C SER A 389 10.74 -4.53 -32.67
N LEU A 390 11.75 -5.35 -32.35
CA LEU A 390 11.66 -6.79 -32.49
C LEU A 390 11.24 -7.41 -31.17
N SER A 391 10.28 -8.32 -31.23
CA SER A 391 9.89 -9.06 -30.05
C SER A 391 11.07 -9.90 -29.55
N ASN A 392 11.10 -10.10 -28.23
CA ASN A 392 12.02 -11.05 -27.62
C ASN A 392 11.59 -12.50 -27.78
N ILE A 393 10.38 -12.76 -28.27
CA ILE A 393 9.96 -14.13 -28.52
C ILE A 393 10.60 -14.61 -29.81
N THR A 394 11.19 -15.80 -29.77
CA THR A 394 11.82 -16.39 -30.94
C THR A 394 10.81 -17.18 -31.76
N TYR A 395 10.24 -18.22 -31.15
CA TYR A 395 9.29 -19.13 -31.79
C TYR A 395 7.95 -18.97 -31.12
N ALA A 396 6.92 -18.63 -31.90
CA ALA A 396 5.56 -18.66 -31.39
C ALA A 396 5.09 -20.10 -31.26
N GLU A 397 4.55 -20.44 -30.09
CA GLU A 397 4.11 -21.82 -29.82
C GLU A 397 2.77 -22.12 -30.48
N ASN A 398 2.62 -23.36 -30.92
CA ASN A 398 1.28 -23.88 -31.21
C ASN A 398 0.69 -24.36 -29.90
N LEU A 399 -0.42 -23.76 -29.51
CA LEU A 399 -1.09 -24.10 -28.27
C LEU A 399 -2.27 -25.01 -28.55
N THR A 400 -2.43 -26.02 -27.72
CA THR A 400 -3.67 -26.81 -27.69
C THR A 400 -4.18 -26.72 -26.26
N ILE A 401 -5.26 -25.97 -26.07
CA ILE A 401 -5.78 -25.70 -24.74
C ILE A 401 -6.95 -26.63 -24.52
N SER A 402 -6.93 -27.33 -23.39
CA SER A 402 -7.99 -28.26 -23.07
C SER A 402 -9.21 -27.51 -22.58
N LEU A 403 -10.38 -28.10 -22.82
CA LEU A 403 -11.62 -27.52 -22.33
C LEU A 403 -11.64 -27.45 -20.80
N SER A 404 -10.95 -28.38 -20.14
CA SER A 404 -10.91 -28.36 -18.69
C SER A 404 -10.15 -27.16 -18.14
N GLN A 405 -9.36 -26.46 -18.97
CA GLN A 405 -8.63 -25.32 -18.42
C GLN A 405 -9.47 -24.06 -18.36
N THR A 406 -10.75 -24.14 -18.70
CA THR A 406 -11.69 -23.05 -18.48
C THR A 406 -12.29 -23.16 -17.08
N ILE A 407 -12.29 -22.04 -16.35
CA ILE A 407 -12.80 -21.96 -15.00
C ILE A 407 -13.69 -20.73 -14.90
N ASN A 408 -14.36 -20.61 -13.76
CA ASN A 408 -15.06 -19.39 -13.37
C ASN A 408 -14.24 -18.62 -12.36
N THR A 409 -14.63 -17.36 -12.13
CA THR A 409 -13.92 -16.55 -11.16
C THR A 409 -14.85 -16.00 -10.07
N GLN A 410 -16.10 -15.72 -10.40
CA GLN A 410 -17.03 -15.25 -9.40
C GLN A 410 -17.51 -16.41 -8.52
N PRO A 411 -17.51 -16.26 -7.20
CA PRO A 411 -18.03 -17.32 -6.31
C PRO A 411 -19.44 -17.82 -6.65
N ILE A 412 -20.37 -16.93 -7.03
CA ILE A 412 -21.72 -17.39 -7.36
C ILE A 412 -21.67 -18.36 -8.54
N ASP A 413 -20.83 -18.09 -9.53
CA ASP A 413 -20.75 -18.97 -10.71
C ASP A 413 -20.04 -20.27 -10.36
N ILE A 414 -18.99 -20.19 -9.53
CA ILE A 414 -18.31 -21.40 -9.06
C ILE A 414 -19.27 -22.27 -8.26
N SER A 415 -20.07 -21.65 -7.39
CA SER A 415 -21.01 -22.38 -6.56
C SER A 415 -22.13 -22.98 -7.38
N THR A 416 -22.60 -22.25 -8.40
CA THR A 416 -23.60 -22.79 -9.31
C THR A 416 -23.05 -24.00 -10.05
N GLU A 417 -21.79 -23.93 -10.50
CA GLU A 417 -21.18 -25.05 -11.19
C GLU A 417 -20.99 -26.22 -10.25
N LEU A 418 -20.64 -25.94 -8.99
CA LEU A 418 -20.45 -27.03 -8.02
C LEU A 418 -21.75 -27.80 -7.81
N SER A 419 -22.88 -27.09 -7.66
CA SER A 419 -24.16 -27.79 -7.53
C SER A 419 -24.46 -28.61 -8.77
N LYS A 420 -24.01 -28.16 -9.96
CA LYS A 420 -24.25 -28.96 -11.15
C LYS A 420 -23.34 -30.17 -11.21
N VAL A 421 -22.07 -30.01 -10.85
CA VAL A 421 -21.18 -31.15 -10.71
C VAL A 421 -21.76 -32.13 -9.71
N ASN A 422 -22.24 -31.60 -8.57
CA ASN A 422 -22.76 -32.46 -7.53
C ASN A 422 -23.97 -33.26 -8.01
N ALA A 423 -24.87 -32.62 -8.75
CA ALA A 423 -26.03 -33.33 -9.26
C ALA A 423 -25.63 -34.47 -10.18
N SER A 424 -24.59 -34.27 -10.99
CA SER A 424 -24.09 -35.35 -11.84
C SER A 424 -23.51 -36.46 -10.98
N LEU A 425 -22.70 -36.10 -9.98
CA LEU A 425 -22.17 -37.09 -9.05
C LEU A 425 -23.29 -37.90 -8.42
N GLN A 426 -24.30 -37.21 -7.88
CA GLN A 426 -25.34 -37.93 -7.15
C GLN A 426 -26.12 -38.84 -8.08
N ASN A 427 -26.28 -38.43 -9.33
CA ASN A 427 -26.91 -39.30 -10.30
C ASN A 427 -26.04 -40.51 -10.59
N ALA A 428 -24.73 -40.31 -10.64
CA ALA A 428 -23.82 -41.43 -10.88
C ALA A 428 -23.80 -42.40 -9.70
N VAL A 429 -23.81 -41.87 -8.47
CA VAL A 429 -23.88 -42.75 -7.30
C VAL A 429 -25.11 -43.66 -7.40
N LYS A 430 -26.27 -43.08 -7.73
CA LYS A 430 -27.47 -43.88 -7.94
C LYS A 430 -27.26 -44.91 -9.03
N TYR A 431 -26.61 -44.53 -10.13
CA TYR A 431 -26.31 -45.50 -11.17
C TYR A 431 -25.46 -46.65 -10.62
N ILE A 432 -24.57 -46.36 -9.67
CA ILE A 432 -23.65 -47.37 -9.16
C ILE A 432 -24.39 -48.36 -8.27
N LYS A 433 -25.27 -47.86 -7.39
CA LYS A 433 -26.06 -48.74 -6.55
C LYS A 433 -26.93 -49.65 -7.41
N GLU A 434 -27.64 -49.07 -8.38
CA GLU A 434 -28.45 -49.88 -9.28
C GLU A 434 -27.57 -50.80 -10.13
N SER A 435 -26.41 -50.30 -10.57
CA SER A 435 -25.45 -51.16 -11.25
C SER A 435 -25.01 -52.30 -10.32
N ASN A 436 -24.61 -51.97 -9.09
CA ASN A 436 -24.17 -53.00 -8.16
C ASN A 436 -25.31 -53.93 -7.77
N HIS A 437 -26.55 -53.43 -7.73
CA HIS A 437 -27.68 -54.30 -7.45
C HIS A 437 -27.89 -55.30 -8.60
N GLN A 438 -28.09 -54.80 -9.82
CA GLN A 438 -28.35 -55.75 -10.91
C GLN A 438 -27.12 -56.60 -11.21
N LEU A 439 -26.15 -56.62 -10.30
CA LEU A 439 -25.05 -57.57 -10.34
C LEU A 439 -25.30 -58.80 -9.50
N GLN A 440 -26.48 -58.92 -8.87
CA GLN A 440 -26.83 -60.16 -8.19
C GLN A 440 -27.09 -61.27 -9.19
N SER A 441 -26.07 -61.65 -9.94
CA SER A 441 -26.17 -62.75 -10.88
C SER A 441 -24.85 -63.50 -10.86
C1 NAG B . -3.68 20.23 30.14
C2 NAG B . -3.01 21.22 31.11
C3 NAG B . -1.98 20.51 31.99
C4 NAG B . -2.65 19.36 32.74
C5 NAG B . -3.23 18.39 31.72
C6 NAG B . -3.96 17.23 32.35
C7 NAG B . -2.98 23.54 30.29
C8 NAG B . -2.20 24.57 29.53
N2 NAG B . -2.39 22.34 30.40
O3 NAG B . -1.42 21.43 32.91
O4 NAG B . -1.71 18.73 33.61
O5 NAG B . -4.19 19.07 30.88
O6 NAG B . -4.03 16.11 31.47
O7 NAG B . -4.08 23.77 30.76
C1 NAG B . -1.38 18.94 34.92
C2 NAG B . -0.81 17.68 35.59
C3 NAG B . -0.67 17.89 37.10
C4 NAG B . 0.14 19.13 37.40
C5 NAG B . -0.51 20.33 36.71
C6 NAG B . 0.27 21.62 36.91
C7 NAG B . -1.21 15.43 34.70
C8 NAG B . -2.22 14.34 34.50
N2 NAG B . -1.66 16.53 35.31
O3 NAG B . -0.03 16.74 37.68
O4 NAG B . 0.20 19.36 38.80
O5 NAG B . -0.58 20.10 35.30
O6 NAG B . 1.35 21.72 35.99
O7 NAG B . -0.05 15.31 34.32
C1 NAG C . -24.71 -32.40 -3.08
C2 NAG C . -25.02 -31.16 -2.25
C3 NAG C . -25.46 -31.55 -0.85
C4 NAG C . -26.58 -32.57 -0.91
C5 NAG C . -26.21 -33.73 -1.85
C6 NAG C . -27.34 -34.70 -2.08
C7 NAG C . -23.74 -29.19 -2.98
C8 NAG C . -22.50 -28.37 -2.79
N2 NAG C . -23.87 -30.26 -2.19
O3 NAG C . -25.91 -30.37 -0.21
O4 NAG C . -26.84 -33.09 0.38
O5 NAG C . -25.85 -33.22 -3.14
O6 NAG C . -28.41 -34.06 -2.76
O7 NAG C . -24.58 -28.90 -3.83
C1 NAG C . -27.90 -32.85 1.23
C2 NAG C . -28.42 -33.86 2.26
C3 NAG C . -29.44 -33.22 3.21
C4 NAG C . -28.88 -31.92 3.80
C5 NAG C . -28.40 -31.01 2.67
C6 NAG C . -27.80 -29.71 3.17
C7 NAG C . -28.34 -36.13 1.29
C8 NAG C . -29.12 -37.21 0.60
N2 NAG C . -29.01 -35.02 1.60
O3 NAG C . -29.77 -34.11 4.26
O4 NAG C . -29.90 -31.24 4.51
O5 NAG C . -27.39 -31.68 1.90
O6 NAG C . -26.43 -29.83 3.52
O7 NAG C . -27.14 -36.26 1.56
C1 BMA C . -30.02 -31.08 5.88
C2 BMA C . -31.28 -30.39 6.44
C3 BMA C . -31.02 -30.02 7.90
C4 BMA C . -30.52 -31.26 8.68
C5 BMA C . -29.23 -31.77 8.01
C6 BMA C . -28.60 -32.96 8.74
O2 BMA C . -32.38 -31.28 6.43
O3 BMA C . -32.14 -29.39 8.52
O4 BMA C . -30.26 -30.93 10.03
O5 BMA C . -29.57 -32.16 6.67
O6 BMA C . -27.72 -32.46 9.74
C1 MAN C . -31.80 -28.19 9.10
C2 MAN C . -32.77 -27.47 10.03
C3 MAN C . -33.80 -26.76 9.18
C4 MAN C . -33.12 -25.81 8.20
C5 MAN C . -32.03 -26.54 7.38
C6 MAN C . -31.13 -25.56 6.64
O2 MAN C . -32.10 -26.42 10.76
O3 MAN C . -34.72 -26.03 9.98
O4 MAN C . -34.09 -25.30 7.30
O5 MAN C . -31.16 -27.29 8.25
O6 MAN C . -29.99 -26.28 6.18
C1 NAG D . -17.03 45.07 20.00
C2 NAG D . -17.97 45.86 19.12
C3 NAG D . -19.40 45.61 19.52
C4 NAG D . -19.69 44.13 19.36
C5 NAG D . -18.74 43.32 20.24
C6 NAG D . -18.88 41.83 20.03
C7 NAG D . -17.77 48.00 17.98
C8 NAG D . -17.40 49.43 18.07
N2 NAG D . -17.65 47.28 19.10
O3 NAG D . -20.25 46.39 18.68
O4 NAG D . -21.02 43.80 19.75
O5 NAG D . -17.37 43.66 19.93
O6 NAG D . -20.24 41.45 19.93
O7 NAG D . -18.15 47.49 16.93
C1 NAG E . 2.22 -29.72 -16.90
C2 NAG E . 3.05 -30.89 -16.41
C3 NAG E . 2.22 -32.17 -16.44
C4 NAG E . 0.92 -31.99 -15.65
C5 NAG E . 0.16 -30.76 -16.16
C6 NAG E . -1.05 -30.45 -15.32
C7 NAG E . 5.45 -30.59 -16.83
C8 NAG E . 6.57 -30.83 -17.79
N2 NAG E . 4.25 -31.04 -17.21
O3 NAG E . 2.97 -33.26 -15.90
O4 NAG E . 0.10 -33.14 -15.80
O5 NAG E . 1.02 -29.61 -16.10
O6 NAG E . -1.72 -29.29 -15.81
O7 NAG E . 5.61 -30.01 -15.77
C1 NAG F . 13.65 -7.60 -24.56
C2 NAG F . 12.83 -6.31 -24.40
C3 NAG F . 13.72 -5.17 -23.88
C4 NAG F . 14.47 -5.60 -22.63
C5 NAG F . 15.24 -6.90 -22.88
C6 NAG F . 15.91 -7.44 -21.64
C7 NAG F . 10.95 -6.26 -25.98
C8 NAG F . 10.47 -5.79 -27.32
N2 NAG F . 12.20 -5.94 -25.66
O3 NAG F . 12.91 -4.05 -23.58
O4 NAG F . 15.38 -4.57 -22.25
O5 NAG F . 14.32 -7.91 -23.32
O6 NAG F . 15.11 -8.41 -20.99
O7 NAG F . 10.23 -6.91 -25.22
C1 NAG G . 3.25 -25.40 -35.46
C2 NAG G . 3.56 -26.68 -36.21
C3 NAG G . 4.59 -26.40 -37.31
C4 NAG G . 4.09 -25.28 -38.22
C5 NAG G . 3.66 -24.05 -37.40
C6 NAG G . 2.97 -23.00 -38.24
C7 NAG G . 5.09 -27.65 -34.52
C8 NAG G . 5.37 -28.86 -33.67
N2 NAG G . 4.02 -27.74 -35.32
O3 NAG G . 4.80 -27.58 -38.09
O4 NAG G . 5.12 -24.90 -39.12
O5 NAG G . 2.72 -24.44 -36.37
O6 NAG G . 1.63 -23.38 -38.56
O7 NAG G . 5.80 -26.65 -34.47
#